data_4HCN
#
_entry.id   4HCN
#
_cell.length_a   128.431
_cell.length_b   45.185
_cell.length_c   67.886
_cell.angle_alpha   90.00
_cell.angle_beta   118.46
_cell.angle_gamma   90.00
#
_symmetry.space_group_name_H-M   'C 1 2 1'
#
loop_
_entity.id
_entity.type
_entity.pdbx_description
1 polymer 'Putative ATP/GTP binding protein'
2 polymer Polyubiquitin
3 non-polymer DI(HYDROXYETHYL)ETHER
4 non-polymer 'FORMIC ACID'
5 non-polymer 'PHOSPHATE ION'
6 water water
#
loop_
_entity_poly.entity_id
_entity_poly.type
_entity_poly.pdbx_seq_one_letter_code
_entity_poly.pdbx_strand_id
1 'polypeptide(L)'
;SGRPLKHRVTLRKATLASLMQSLSGESSNRVMWNDRYDTLLIARDPREIKNAIEKSVTDFGGLENYKELTGGADPFALMT
PVAGLSANNIFKLMTEKDVPIDPTSIEYLENTSFAEHVNTLDSHKNYVVIVNDGRLGHKFLIDLPALTQGPRTAYIIQSD
LGGGALPAVRVEDWISRRGSDPVSLDELNQLLSKDFSKMPDDVQTRLLASILQIDKDPHKVDIKKLHLDGKLRFASHEYD
FRQFQRNAQYVAGLG
;
A
2 'polypeptide(L)'
;MGSSHHHHHHSSGENLYFQGRPMQIFVKTLTGKTITLEVESSDTIDNVKSKIQDKEGIPPDQQRLIFAGKQLEDGRTLSD
YNIQKESTLHLVLRLRGG
;
B
#
# COMPACT_ATOMS: atom_id res chain seq x y z
N LYS A 6 -17.16 24.15 -2.82
CA LYS A 6 -17.20 23.26 -4.02
C LYS A 6 -16.19 23.68 -5.10
N HIS A 7 -15.25 24.56 -4.72
CA HIS A 7 -14.16 24.98 -5.61
C HIS A 7 -12.83 24.32 -5.24
N ARG A 8 -12.76 23.77 -4.03
CA ARG A 8 -11.57 23.04 -3.59
C ARG A 8 -11.47 21.65 -4.21
N VAL A 9 -12.62 21.00 -4.44
CA VAL A 9 -12.66 19.68 -5.10
C VAL A 9 -12.02 19.72 -6.51
N THR A 10 -12.15 20.86 -7.18
CA THR A 10 -11.50 21.11 -8.46
C THR A 10 -9.98 21.14 -8.30
N LEU A 11 -9.52 21.80 -7.22
CA LEU A 11 -8.10 21.87 -6.87
C LEU A 11 -7.55 20.51 -6.45
N ARG A 12 -8.35 19.79 -5.66
CA ARG A 12 -8.01 18.46 -5.18
C ARG A 12 -7.77 17.52 -6.36
N LYS A 13 -8.65 17.61 -7.37
CA LYS A 13 -8.50 16.79 -8.57
C LYS A 13 -7.28 17.19 -9.40
N ALA A 14 -7.12 18.48 -9.64
CA ALA A 14 -5.96 19.01 -10.37
C ALA A 14 -4.63 18.67 -9.69
N THR A 15 -4.60 18.68 -8.34
CA THR A 15 -3.44 18.24 -7.55
C THR A 15 -3.17 16.73 -7.75
N LEU A 16 -4.19 15.89 -7.56
CA LEU A 16 -4.05 14.44 -7.74
C LEU A 16 -3.65 14.07 -9.18
N ALA A 17 -4.25 14.75 -10.16
CA ALA A 17 -3.94 14.53 -11.57
C ALA A 17 -2.51 14.92 -11.89
N SER A 18 -2.10 16.10 -11.43
CA SER A 18 -0.72 16.56 -11.53
C SER A 18 0.26 15.51 -10.96
N LEU A 19 -0.05 15.01 -9.77
CA LEU A 19 0.78 14.06 -9.08
C LEU A 19 0.94 12.73 -9.82
N MET A 20 -0.19 12.14 -10.21
CA MET A 20 -0.21 10.90 -11.00
C MET A 20 0.56 10.98 -12.33
N GLN A 21 0.51 12.13 -12.99
CA GLN A 21 1.16 12.29 -14.29
C GLN A 21 2.68 12.47 -14.16
N SER A 22 3.11 13.19 -13.15
CA SER A 22 4.53 13.34 -12.88
C SER A 22 5.21 11.97 -12.70
N LEU A 23 4.42 10.97 -12.31
CA LEU A 23 4.97 9.64 -11.99
C LEU A 23 5.57 8.89 -13.19
N SER A 24 5.34 9.39 -14.39
CA SER A 24 6.06 8.93 -15.58
C SER A 24 7.54 9.37 -15.53
N GLY A 25 7.83 10.31 -14.63
CA GLY A 25 9.19 10.79 -14.40
C GLY A 25 9.95 9.80 -13.53
N GLU A 26 11.17 9.50 -13.94
CA GLU A 26 12.05 8.58 -13.23
C GLU A 26 12.17 9.05 -11.78
N SER A 27 12.54 10.32 -11.60
CA SER A 27 12.74 10.93 -10.30
C SER A 27 11.48 10.93 -9.43
N SER A 28 10.37 11.38 -10.04
CA SER A 28 9.11 11.43 -9.34
C SER A 28 8.64 10.03 -8.97
N ASN A 29 8.80 9.08 -9.88
CA ASN A 29 8.43 7.69 -9.60
C ASN A 29 9.19 7.10 -8.41
N ARG A 30 10.48 7.32 -8.34
CA ARG A 30 11.29 6.72 -7.26
C ARG A 30 11.13 7.42 -5.91
N VAL A 31 10.70 8.67 -5.90
CA VAL A 31 10.61 9.45 -4.68
C VAL A 31 9.25 9.26 -4.03
N MET A 32 8.20 9.24 -4.86
CA MET A 32 6.84 8.99 -4.40
C MET A 32 6.77 7.63 -3.72
N TRP A 33 7.22 6.60 -4.42
CA TRP A 33 7.01 5.24 -3.95
C TRP A 33 8.17 4.62 -3.15
N ASN A 34 9.19 5.40 -2.79
CA ASN A 34 10.24 4.90 -1.90
C ASN A 34 9.67 4.36 -0.60
N ASP A 35 10.45 3.52 0.09
CA ASP A 35 9.96 2.85 1.29
C ASP A 35 10.66 3.21 2.61
N ARG A 36 11.45 4.30 2.60
CA ARG A 36 11.98 4.88 3.84
C ARG A 36 10.93 5.77 4.52
N TYR A 37 10.44 5.30 5.66
CA TYR A 37 9.31 5.92 6.34
C TYR A 37 9.71 6.83 7.50
N ASP A 38 10.90 6.63 8.06
CA ASP A 38 11.36 7.39 9.23
C ASP A 38 11.88 8.78 8.84
N THR A 39 11.74 9.11 7.57
CA THR A 39 12.24 10.37 7.02
C THR A 39 11.07 11.09 6.36
N LEU A 40 11.14 12.42 6.32
CA LEU A 40 10.16 13.21 5.58
C LEU A 40 10.24 12.80 4.12
N LEU A 41 9.08 12.54 3.51
CA LEU A 41 9.03 12.17 2.11
C LEU A 41 9.76 13.21 1.26
N ILE A 42 9.55 14.49 1.54
CA ILE A 42 10.19 15.57 0.76
C ILE A 42 11.70 15.65 0.96
N ALA A 43 12.22 14.93 1.95
CA ALA A 43 13.65 14.89 2.20
C ALA A 43 14.33 13.93 1.22
N ARG A 44 13.52 13.12 0.54
CA ARG A 44 14.01 12.08 -0.37
C ARG A 44 14.77 12.64 -1.57
N ASP A 45 16.00 12.18 -1.70
CA ASP A 45 16.92 12.55 -2.77
C ASP A 45 16.88 11.43 -3.84
N PRO A 46 16.47 11.77 -5.06
CA PRO A 46 16.41 10.75 -6.13
C PRO A 46 17.77 10.13 -6.39
N ARG A 47 18.78 10.94 -6.68
CA ARG A 47 20.12 10.43 -6.95
C ARG A 47 20.57 9.42 -5.89
N GLU A 48 20.42 9.79 -4.62
CA GLU A 48 20.72 8.91 -3.49
C GLU A 48 19.94 7.58 -3.56
N ILE A 49 18.63 7.68 -3.75
CA ILE A 49 17.77 6.50 -3.92
C ILE A 49 18.25 5.63 -5.10
N LYS A 50 18.73 6.28 -6.16
CA LYS A 50 19.23 5.56 -7.33
C LYS A 50 20.59 4.88 -7.06
N ASN A 51 21.45 5.53 -6.28
CA ASN A 51 22.71 4.93 -5.85
C ASN A 51 22.50 3.69 -4.98
N ALA A 52 21.47 3.71 -4.15
CA ALA A 52 21.17 2.62 -3.25
C ALA A 52 20.65 1.38 -4.01
N ILE A 53 19.88 1.62 -5.08
CA ILE A 53 19.48 0.57 -6.01
C ILE A 53 20.70 0.01 -6.77
N GLU A 54 21.52 0.92 -7.32
CA GLU A 54 22.79 0.58 -7.98
C GLU A 54 23.66 -0.27 -7.07
N LYS A 55 23.67 0.09 -5.79
CA LYS A 55 24.41 -0.61 -4.76
C LYS A 55 23.86 -2.04 -4.64
N SER A 56 22.54 -2.15 -4.50
CA SER A 56 21.87 -3.43 -4.36
C SER A 56 22.18 -4.34 -5.54
N VAL A 57 22.03 -3.81 -6.75
CA VAL A 57 22.26 -4.55 -7.99
C VAL A 57 23.70 -5.02 -8.13
N THR A 58 24.63 -4.10 -7.91
CA THR A 58 26.06 -4.42 -7.90
C THR A 58 26.31 -5.53 -6.89
N ASP A 59 25.84 -5.33 -5.65
CA ASP A 59 26.01 -6.31 -4.56
C ASP A 59 25.59 -7.71 -4.99
N PHE A 60 24.56 -7.80 -5.82
CA PHE A 60 24.06 -9.11 -6.24
C PHE A 60 24.64 -9.62 -7.54
N GLY A 61 25.65 -8.93 -8.06
CA GLY A 61 26.38 -9.39 -9.25
C GLY A 61 26.05 -8.74 -10.58
N GLY A 62 25.26 -7.67 -10.54
CA GLY A 62 24.85 -6.99 -11.77
C GLY A 62 23.39 -7.17 -12.09
N LEU A 63 22.92 -6.41 -13.10
CA LEU A 63 21.51 -6.32 -13.42
C LEU A 63 20.89 -7.63 -13.85
N GLU A 64 21.57 -8.37 -14.71
CA GLU A 64 21.03 -9.62 -15.21
C GLU A 64 20.85 -10.61 -14.07
N ASN A 65 21.85 -10.69 -13.20
CA ASN A 65 21.83 -11.65 -12.10
C ASN A 65 20.77 -11.32 -11.07
N TYR A 66 20.64 -10.03 -10.78
CA TYR A 66 19.57 -9.50 -9.96
C TYR A 66 18.20 -9.84 -10.52
N LYS A 67 17.98 -9.53 -11.80
CA LYS A 67 16.72 -9.80 -12.48
C LYS A 67 16.42 -11.31 -12.45
N GLU A 68 17.46 -12.11 -12.27
CA GLU A 68 17.30 -13.53 -12.04
C GLU A 68 16.72 -13.82 -10.66
N LEU A 69 17.27 -13.19 -9.64
CA LEU A 69 16.80 -13.36 -8.26
C LEU A 69 15.36 -12.91 -8.08
N THR A 70 15.07 -11.69 -8.51
CA THR A 70 13.75 -11.09 -8.32
C THR A 70 12.73 -11.69 -9.25
N GLY A 71 13.17 -12.66 -10.06
CA GLY A 71 12.31 -13.36 -11.00
C GLY A 71 11.88 -12.52 -12.20
N GLY A 72 12.70 -11.54 -12.58
CA GLY A 72 12.43 -10.74 -13.77
C GLY A 72 12.34 -9.25 -13.52
N ALA A 73 12.11 -8.88 -12.26
CA ALA A 73 11.90 -7.49 -11.87
C ALA A 73 13.19 -6.64 -11.86
N ASP A 74 13.18 -5.59 -12.68
CA ASP A 74 14.28 -4.66 -12.80
C ASP A 74 14.01 -3.53 -11.82
N PRO A 75 14.93 -3.34 -10.84
CA PRO A 75 14.69 -2.33 -9.80
C PRO A 75 14.62 -0.89 -10.34
N PHE A 76 15.14 -0.67 -11.55
CA PHE A 76 15.14 0.68 -12.14
C PHE A 76 13.86 1.05 -12.88
N ALA A 77 13.09 0.06 -13.25
CA ALA A 77 11.85 0.28 -14.02
C ALA A 77 10.92 1.29 -13.34
N LEU A 78 10.04 1.88 -14.14
CA LEU A 78 8.99 2.76 -13.65
C LEU A 78 7.90 1.87 -13.08
N MET A 79 7.68 2.01 -11.78
CA MET A 79 6.80 1.10 -11.06
C MET A 79 5.42 1.68 -10.84
N THR A 80 4.50 0.81 -10.44
CA THR A 80 3.20 1.18 -9.91
C THR A 80 2.95 0.34 -8.64
N PRO A 81 2.65 1.01 -7.53
CA PRO A 81 2.65 0.43 -6.18
C PRO A 81 1.50 -0.51 -5.86
N VAL A 82 1.78 -1.55 -5.06
CA VAL A 82 0.73 -2.37 -4.45
C VAL A 82 0.02 -1.58 -3.34
N ALA A 83 -1.05 -2.15 -2.78
CA ALA A 83 -1.95 -1.40 -1.90
C ALA A 83 -1.24 -0.83 -0.69
N GLY A 84 -0.34 -1.60 -0.11
CA GLY A 84 0.35 -1.19 1.10
C GLY A 84 1.28 0.00 0.89
N LEU A 85 2.03 -0.04 -0.20
CA LEU A 85 3.06 0.93 -0.49
C LEU A 85 2.45 2.27 -0.92
N SER A 86 1.40 2.19 -1.74
CA SER A 86 0.64 3.36 -2.13
C SER A 86 0.04 4.00 -0.91
N ALA A 87 -0.72 3.21 -0.15
CA ALA A 87 -1.39 3.72 1.03
C ALA A 87 -0.40 4.38 1.97
N ASN A 88 0.65 3.66 2.36
CA ASN A 88 1.67 4.22 3.24
C ASN A 88 2.23 5.53 2.73
N ASN A 89 2.47 5.61 1.42
CA ASN A 89 3.18 6.76 0.86
C ASN A 89 2.30 7.99 0.58
N ILE A 90 1.11 7.76 0.07
CA ILE A 90 0.16 8.84 -0.10
C ILE A 90 -0.23 9.37 1.28
N PHE A 91 -0.24 8.49 2.27
CA PHE A 91 -0.47 8.88 3.65
C PHE A 91 0.55 9.92 4.13
N LYS A 92 1.83 9.60 3.98
CA LYS A 92 2.90 10.54 4.33
C LYS A 92 2.74 11.85 3.57
N LEU A 93 2.72 11.76 2.23
CA LEU A 93 2.56 12.91 1.37
C LEU A 93 1.41 13.85 1.80
N MET A 94 0.34 13.27 2.35
CA MET A 94 -0.84 14.04 2.77
C MET A 94 -0.69 14.66 4.15
N THR A 95 -0.12 13.92 5.10
CA THR A 95 -0.09 14.34 6.50
C THR A 95 1.17 15.12 6.92
N GLU A 96 2.24 15.00 6.16
CA GLU A 96 3.51 15.56 6.62
C GLU A 96 3.67 17.04 6.37
N LYS A 97 4.31 17.71 7.33
CA LYS A 97 4.66 19.10 7.17
C LYS A 97 6.16 19.21 7.42
N ASP A 98 6.53 19.07 8.69
CA ASP A 98 7.91 19.25 9.12
C ASP A 98 8.41 18.13 10.04
N VAL A 99 7.52 17.21 10.43
CA VAL A 99 7.92 16.06 11.26
C VAL A 99 7.59 14.74 10.54
N PRO A 100 8.58 13.83 10.46
CA PRO A 100 8.36 12.53 9.83
C PRO A 100 7.26 11.74 10.52
N ILE A 101 6.37 11.18 9.72
CA ILE A 101 5.29 10.32 10.20
C ILE A 101 5.56 8.94 9.61
N ASP A 102 5.63 7.93 10.47
CA ASP A 102 5.96 6.58 10.05
C ASP A 102 4.72 5.70 10.05
N PRO A 103 4.17 5.42 8.86
CA PRO A 103 2.93 4.65 8.81
C PRO A 103 3.13 3.23 9.35
N THR A 104 4.37 2.76 9.34
CA THR A 104 4.73 1.49 9.98
C THR A 104 4.43 1.49 11.48
N SER A 105 4.71 2.59 12.17
CA SER A 105 4.62 2.61 13.62
C SER A 105 3.39 3.35 14.18
N ILE A 106 2.38 3.58 13.34
CA ILE A 106 1.15 4.20 13.81
C ILE A 106 0.28 3.18 14.55
N GLU A 107 -0.31 3.66 15.64
CA GLU A 107 -1.23 2.89 16.45
C GLU A 107 -2.62 2.86 15.82
N TYR A 108 -3.21 1.67 15.69
CA TYR A 108 -4.52 1.51 15.05
C TYR A 108 -5.63 1.27 16.06
N LEU A 109 -6.84 1.70 15.72
CA LEU A 109 -8.04 1.39 16.51
C LEU A 109 -8.66 0.06 16.05
N GLU A 110 -8.94 -0.82 17.01
CA GLU A 110 -9.53 -2.13 16.72
C GLU A 110 -10.91 -2.32 17.35
N ASN A 111 -11.11 -1.73 18.53
CA ASN A 111 -12.37 -1.88 19.27
C ASN A 111 -13.30 -0.66 19.13
N THR A 112 -13.27 -0.07 17.94
CA THR A 112 -14.02 1.13 17.63
C THR A 112 -14.61 0.96 16.24
N SER A 113 -15.91 1.22 16.11
CA SER A 113 -16.56 1.23 14.81
C SER A 113 -16.11 2.44 14.03
N PHE A 114 -16.07 2.31 12.71
CA PHE A 114 -15.74 3.45 11.86
C PHE A 114 -16.78 4.53 12.09
N ALA A 115 -18.04 4.10 12.12
CA ALA A 115 -19.19 4.99 12.28
C ALA A 115 -19.09 5.86 13.54
N GLU A 116 -18.77 5.25 14.69
CA GLU A 116 -18.65 5.98 15.95
C GLU A 116 -17.33 6.76 16.05
N HIS A 117 -16.31 6.34 15.31
CA HIS A 117 -15.05 7.07 15.32
C HIS A 117 -15.18 8.42 14.61
N VAL A 118 -15.82 8.41 13.44
CA VAL A 118 -15.92 9.61 12.60
C VAL A 118 -16.70 10.73 13.30
N ASN A 119 -17.64 10.36 14.15
CA ASN A 119 -18.44 11.31 14.93
C ASN A 119 -17.61 12.16 15.91
N THR A 120 -16.43 11.67 16.28
CA THR A 120 -15.53 12.44 17.15
C THR A 120 -14.70 13.45 16.36
N LEU A 121 -14.70 13.32 15.05
CA LEU A 121 -13.85 14.13 14.17
C LEU A 121 -14.40 15.53 13.91
N ASP A 122 -13.54 16.53 14.04
CA ASP A 122 -13.91 17.91 13.80
C ASP A 122 -14.15 18.13 12.31
N SER A 123 -15.32 18.67 12.00
CA SER A 123 -15.80 18.81 10.62
C SER A 123 -15.12 19.93 9.83
N HIS A 124 -14.47 20.84 10.55
CA HIS A 124 -13.79 21.99 9.95
C HIS A 124 -12.34 21.64 9.61
N LYS A 125 -12.00 20.36 9.78
CA LYS A 125 -10.66 19.85 9.52
C LYS A 125 -10.71 18.72 8.50
N ASN A 126 -9.60 18.52 7.80
CA ASN A 126 -9.46 17.42 6.86
C ASN A 126 -8.86 16.23 7.59
N TYR A 127 -9.39 15.04 7.32
CA TYR A 127 -8.81 13.83 7.87
C TYR A 127 -8.51 12.83 6.78
N VAL A 128 -7.52 11.98 7.03
CA VAL A 128 -7.21 10.88 6.12
C VAL A 128 -7.19 9.60 6.93
N VAL A 129 -7.98 8.62 6.50
CA VAL A 129 -8.07 7.37 7.22
C VAL A 129 -7.24 6.31 6.50
N ILE A 130 -6.28 5.74 7.21
CA ILE A 130 -5.51 4.63 6.70
C ILE A 130 -6.17 3.31 7.17
N VAL A 131 -6.68 2.52 6.22
CA VAL A 131 -7.42 1.30 6.57
C VAL A 131 -6.63 0.03 6.28
N ASN A 132 -6.37 -0.74 7.31
CA ASN A 132 -5.67 -2.01 7.19
C ASN A 132 -6.69 -3.11 7.36
N ASP A 133 -7.18 -3.62 6.24
CA ASP A 133 -8.30 -4.54 6.26
C ASP A 133 -7.86 -6.00 6.10
N GLY A 134 -7.86 -6.71 7.22
CA GLY A 134 -7.60 -8.15 7.26
C GLY A 134 -8.64 -9.05 6.61
N ARG A 135 -9.87 -8.57 6.39
CA ARG A 135 -10.86 -9.37 5.63
C ARG A 135 -10.58 -9.41 4.12
N LEU A 136 -10.10 -8.31 3.55
CA LEU A 136 -9.80 -8.24 2.12
C LEU A 136 -8.32 -8.47 1.81
N GLY A 137 -7.46 -8.40 2.83
CA GLY A 137 -6.01 -8.47 2.63
C GLY A 137 -5.54 -7.20 1.92
N HIS A 138 -6.08 -6.08 2.37
CA HIS A 138 -6.01 -4.83 1.65
C HIS A 138 -5.59 -3.71 2.61
N LYS A 139 -5.21 -2.58 2.03
CA LYS A 139 -4.83 -1.40 2.76
C LYS A 139 -5.05 -0.25 1.81
N PHE A 140 -5.94 0.65 2.19
CA PHE A 140 -6.32 1.77 1.35
C PHE A 140 -6.58 2.99 2.23
N LEU A 141 -6.84 4.12 1.59
CA LEU A 141 -7.04 5.37 2.29
C LEU A 141 -8.46 5.90 2.08
N ILE A 142 -8.95 6.60 3.08
CA ILE A 142 -10.22 7.30 2.99
C ILE A 142 -9.98 8.76 3.32
N ASP A 143 -10.15 9.61 2.32
CA ASP A 143 -9.96 11.04 2.46
C ASP A 143 -11.26 11.68 2.93
N LEU A 144 -11.17 12.45 4.01
CA LEU A 144 -12.31 13.12 4.63
C LEU A 144 -12.14 14.65 4.67
N PRO A 145 -12.29 15.32 3.51
CA PRO A 145 -12.15 16.78 3.44
C PRO A 145 -13.12 17.54 4.36
N ALA A 146 -12.71 18.73 4.75
CA ALA A 146 -13.45 19.58 5.68
C ALA A 146 -14.89 19.92 5.21
N ARG A 152 -20.55 15.63 5.50
CA ARG A 152 -19.26 14.94 5.30
C ARG A 152 -19.11 14.40 3.90
N THR A 153 -17.88 14.42 3.40
CA THR A 153 -17.59 13.86 2.07
C THR A 153 -16.42 12.90 2.17
N ALA A 154 -16.44 11.82 1.40
CA ALA A 154 -15.46 10.73 1.51
C ALA A 154 -14.97 10.23 0.15
N TYR A 155 -13.67 10.00 0.05
CA TYR A 155 -13.05 9.47 -1.17
C TYR A 155 -12.12 8.31 -0.89
N ILE A 156 -11.96 7.44 -1.88
CA ILE A 156 -11.08 6.32 -1.71
C ILE A 156 -9.84 6.52 -2.55
N ILE A 157 -8.68 6.30 -1.93
CA ILE A 157 -7.41 6.25 -2.63
C ILE A 157 -6.82 4.87 -2.37
N GLN A 158 -6.58 4.14 -3.44
CA GLN A 158 -6.12 2.75 -3.36
C GLN A 158 -5.34 2.35 -4.60
N SER A 159 -4.66 1.21 -4.51
CA SER A 159 -4.23 0.42 -5.66
C SER A 159 -4.40 -1.03 -5.20
N ASP A 160 -4.30 -2.00 -6.11
CA ASP A 160 -4.49 -3.40 -5.70
C ASP A 160 -3.68 -4.38 -6.54
N LEU A 161 -2.97 -5.28 -5.88
CA LEU A 161 -2.19 -6.31 -6.57
C LEU A 161 -3.10 -7.30 -7.31
N GLY A 162 -4.30 -7.51 -6.78
CA GLY A 162 -5.31 -8.29 -7.46
C GLY A 162 -5.48 -9.72 -6.99
N GLY A 163 -4.74 -10.11 -5.96
CA GLY A 163 -4.80 -11.45 -5.39
C GLY A 163 -6.02 -11.75 -4.53
N GLY A 164 -6.80 -10.73 -4.21
CA GLY A 164 -7.95 -10.90 -3.31
C GLY A 164 -9.28 -10.94 -3.99
N ALA A 165 -10.30 -10.48 -3.28
CA ALA A 165 -11.67 -10.41 -3.78
C ALA A 165 -11.79 -9.31 -4.82
N LEU A 166 -10.99 -8.25 -4.63
CA LEU A 166 -10.89 -7.13 -5.57
C LEU A 166 -9.89 -7.44 -6.68
N PRO A 167 -10.19 -6.99 -7.91
CA PRO A 167 -9.26 -7.19 -9.03
C PRO A 167 -8.17 -6.12 -9.04
N ALA A 168 -7.03 -6.44 -9.65
CA ALA A 168 -5.86 -5.56 -9.66
C ALA A 168 -6.19 -4.15 -10.19
N VAL A 169 -5.81 -3.12 -9.45
CA VAL A 169 -6.00 -1.76 -9.97
C VAL A 169 -4.78 -0.90 -9.72
N ARG A 170 -4.34 -0.20 -10.76
CA ARG A 170 -3.18 0.69 -10.67
C ARG A 170 -3.67 1.99 -10.07
N VAL A 171 -2.88 2.54 -9.15
CA VAL A 171 -3.27 3.80 -8.50
C VAL A 171 -3.65 4.91 -9.51
N GLU A 172 -2.86 5.06 -10.57
CA GLU A 172 -3.10 6.14 -11.54
C GLU A 172 -4.48 6.02 -12.18
N ASP A 173 -4.89 4.79 -12.44
CA ASP A 173 -6.21 4.51 -13.01
C ASP A 173 -7.33 4.73 -12.01
N TRP A 174 -7.09 4.35 -10.75
CA TRP A 174 -8.06 4.57 -9.68
C TRP A 174 -8.36 6.05 -9.42
N ILE A 175 -7.32 6.87 -9.33
CA ILE A 175 -7.51 8.30 -9.17
C ILE A 175 -8.28 8.84 -10.36
N SER A 176 -7.91 8.40 -11.55
CA SER A 176 -8.47 8.96 -12.78
C SER A 176 -9.96 8.65 -12.94
N ARG A 177 -10.38 7.45 -12.54
CA ARG A 177 -11.77 7.11 -12.69
C ARG A 177 -12.61 7.32 -11.43
N ARG A 178 -12.00 7.12 -10.26
CA ARG A 178 -12.78 7.09 -9.04
C ARG A 178 -12.30 8.06 -7.97
N GLY A 179 -11.26 8.84 -8.30
CA GLY A 179 -10.58 9.70 -7.31
C GLY A 179 -11.36 10.89 -6.79
N SER A 180 -12.21 11.49 -7.62
CA SER A 180 -13.02 12.64 -7.24
C SER A 180 -14.51 12.26 -7.30
N ASP A 181 -14.79 10.98 -7.04
CA ASP A 181 -16.14 10.48 -7.00
C ASP A 181 -16.46 10.10 -5.56
N PRO A 182 -17.20 10.97 -4.85
CA PRO A 182 -17.52 10.74 -3.43
C PRO A 182 -18.18 9.39 -3.18
N VAL A 183 -18.01 8.87 -1.97
CA VAL A 183 -18.50 7.56 -1.64
C VAL A 183 -19.42 7.65 -0.43
N SER A 184 -20.51 6.89 -0.47
CA SER A 184 -21.52 6.93 0.61
C SER A 184 -20.95 6.69 2.02
N LEU A 185 -21.04 7.72 2.86
CA LEU A 185 -20.65 7.62 4.26
C LEU A 185 -21.14 6.32 4.91
N ASP A 186 -22.46 6.11 4.85
CA ASP A 186 -23.11 4.97 5.50
C ASP A 186 -22.65 3.60 4.96
N GLU A 187 -22.41 3.53 3.66
CA GLU A 187 -21.89 2.30 3.06
C GLU A 187 -20.51 1.94 3.61
N LEU A 188 -19.68 2.95 3.86
CA LEU A 188 -18.39 2.74 4.49
C LEU A 188 -18.56 2.19 5.90
N ASN A 189 -19.64 2.61 6.57
CA ASN A 189 -19.95 2.12 7.89
C ASN A 189 -20.29 0.63 7.84
N GLN A 190 -21.11 0.24 6.87
CA GLN A 190 -21.44 -1.17 6.67
C GLN A 190 -20.19 -2.00 6.37
N LEU A 191 -19.36 -1.54 5.41
CA LEU A 191 -18.14 -2.28 5.06
C LEU A 191 -17.12 -2.33 6.19
N LEU A 192 -16.93 -1.19 6.86
CA LEU A 192 -15.94 -1.11 7.93
C LEU A 192 -16.57 -1.48 9.28
N SER A 193 -17.39 -2.51 9.24
CA SER A 193 -18.02 -3.07 10.42
C SER A 193 -17.49 -4.48 10.59
N LYS A 194 -17.41 -4.93 11.83
CA LYS A 194 -17.00 -6.28 12.14
C LYS A 194 -18.09 -7.25 11.71
N ASP A 195 -19.32 -6.75 11.61
CA ASP A 195 -20.46 -7.52 11.11
C ASP A 195 -20.40 -7.80 9.60
N PHE A 196 -19.52 -7.11 8.88
CA PHE A 196 -19.44 -7.26 7.43
C PHE A 196 -19.18 -8.71 7.04
N SER A 197 -18.31 -9.37 7.81
CA SER A 197 -18.04 -10.80 7.69
C SER A 197 -19.32 -11.68 7.69
N LYS A 198 -20.35 -11.22 8.40
CA LYS A 198 -21.60 -11.98 8.54
C LYS A 198 -22.63 -11.75 7.45
N MET A 199 -22.51 -10.64 6.74
CA MET A 199 -23.50 -10.19 5.78
C MET A 199 -23.79 -11.22 4.66
N PRO A 200 -24.95 -11.08 3.96
CA PRO A 200 -25.26 -11.95 2.81
C PRO A 200 -24.27 -11.71 1.67
N ASP A 201 -23.94 -12.79 0.96
CA ASP A 201 -22.92 -12.76 -0.08
C ASP A 201 -23.07 -11.59 -1.06
N ASP A 202 -24.30 -11.34 -1.50
CA ASP A 202 -24.57 -10.29 -2.49
C ASP A 202 -24.42 -8.90 -1.89
N VAL A 203 -24.75 -8.76 -0.61
CA VAL A 203 -24.59 -7.50 0.12
C VAL A 203 -23.11 -7.14 0.21
N GLN A 204 -22.30 -8.12 0.60
CA GLN A 204 -20.85 -7.97 0.63
C GLN A 204 -20.35 -7.55 -0.74
N THR A 205 -20.81 -8.27 -1.76
CA THR A 205 -20.39 -8.05 -3.14
C THR A 205 -20.72 -6.63 -3.67
N ARG A 206 -21.88 -6.10 -3.31
CA ARG A 206 -22.28 -4.79 -3.80
C ARG A 206 -21.58 -3.68 -3.03
N LEU A 207 -21.36 -3.91 -1.75
CA LEU A 207 -20.59 -2.97 -0.93
C LEU A 207 -19.17 -2.84 -1.46
N LEU A 208 -18.49 -3.96 -1.60
CA LEU A 208 -17.16 -3.97 -2.21
C LEU A 208 -17.14 -3.34 -3.60
N ALA A 209 -18.11 -3.72 -4.43
CA ALA A 209 -18.23 -3.15 -5.78
C ALA A 209 -18.38 -1.63 -5.76
N SER A 210 -19.24 -1.14 -4.88
CA SER A 210 -19.61 0.27 -4.87
C SER A 210 -18.51 1.17 -4.34
N ILE A 211 -17.74 0.66 -3.38
CA ILE A 211 -16.66 1.42 -2.74
C ILE A 211 -15.30 1.21 -3.39
N LEU A 212 -15.00 -0.03 -3.79
CA LEU A 212 -13.61 -0.35 -4.15
C LEU A 212 -13.37 -0.89 -5.55
N GLN A 213 -14.43 -1.14 -6.31
CA GLN A 213 -14.27 -1.61 -7.68
C GLN A 213 -14.32 -0.42 -8.61
N ILE A 214 -13.43 -0.40 -9.60
CA ILE A 214 -13.24 0.78 -10.46
C ILE A 214 -14.49 1.14 -11.28
N ASP A 215 -15.26 0.12 -11.66
CA ASP A 215 -16.43 0.29 -12.51
C ASP A 215 -17.72 -0.04 -11.74
N LYS A 216 -17.63 -0.03 -10.40
CA LYS A 216 -18.75 -0.33 -9.50
C LYS A 216 -19.53 -1.56 -9.93
N ASP A 217 -18.81 -2.63 -10.28
CA ASP A 217 -19.41 -3.81 -10.88
C ASP A 217 -19.29 -5.08 -10.00
N PRO A 218 -20.43 -5.51 -9.43
CA PRO A 218 -20.51 -6.69 -8.56
C PRO A 218 -19.87 -7.96 -9.14
N HIS A 219 -19.93 -8.13 -10.45
CA HIS A 219 -19.35 -9.31 -11.11
C HIS A 219 -17.82 -9.31 -11.17
N LYS A 220 -17.18 -8.16 -10.91
CA LYS A 220 -15.71 -8.06 -10.82
C LYS A 220 -15.22 -8.35 -9.39
N VAL A 221 -16.14 -8.72 -8.49
CA VAL A 221 -15.81 -8.99 -7.09
C VAL A 221 -15.99 -10.48 -6.79
N ASP A 222 -15.02 -11.10 -6.11
CA ASP A 222 -15.11 -12.51 -5.74
C ASP A 222 -14.96 -12.71 -4.22
N ILE A 223 -16.08 -12.84 -3.51
CA ILE A 223 -16.03 -12.91 -2.04
C ILE A 223 -15.43 -14.21 -1.48
N LYS A 224 -15.42 -15.26 -2.29
CA LYS A 224 -14.83 -16.55 -1.87
C LYS A 224 -13.39 -16.38 -1.41
N LYS A 225 -12.77 -15.29 -1.83
CA LYS A 225 -11.37 -15.00 -1.56
C LYS A 225 -11.16 -14.15 -0.31
N LEU A 226 -12.26 -13.83 0.38
CA LEU A 226 -12.20 -13.06 1.63
C LEU A 226 -11.70 -13.92 2.78
N HIS A 227 -11.03 -13.28 3.75
CA HIS A 227 -10.69 -13.91 5.01
C HIS A 227 -11.78 -13.49 5.99
N LEU A 228 -12.75 -14.38 6.21
CA LEU A 228 -13.91 -14.04 7.02
C LEU A 228 -13.53 -13.77 8.47
N ASP A 229 -12.36 -14.24 8.88
CA ASP A 229 -11.89 -14.03 10.25
C ASP A 229 -10.80 -12.96 10.37
N GLY A 230 -10.40 -12.39 9.25
CA GLY A 230 -9.44 -11.29 9.24
C GLY A 230 -9.89 -10.12 10.11
N LYS A 231 -8.91 -9.30 10.51
CA LYS A 231 -9.17 -8.21 11.43
C LYS A 231 -9.21 -6.87 10.72
N LEU A 232 -10.21 -6.07 11.04
CA LEU A 232 -10.30 -4.71 10.53
C LEU A 232 -9.58 -3.78 11.50
N ARG A 233 -8.72 -2.92 10.97
CA ARG A 233 -8.01 -1.93 11.79
C ARG A 233 -7.82 -0.66 10.98
N PHE A 234 -7.95 0.47 11.64
CA PHE A 234 -7.83 1.74 10.96
C PHE A 234 -7.35 2.83 11.90
N ALA A 235 -6.77 3.88 11.33
CA ALA A 235 -6.36 5.05 12.08
C ALA A 235 -6.56 6.28 11.19
N SER A 236 -6.89 7.40 11.81
CA SER A 236 -7.05 8.63 11.07
C SER A 236 -6.00 9.64 11.51
N HIS A 237 -5.89 10.71 10.73
CA HIS A 237 -4.92 11.76 10.99
C HIS A 237 -5.35 13.02 10.24
N GLU A 238 -5.36 14.15 10.93
CA GLU A 238 -5.73 15.39 10.27
C GLU A 238 -4.63 15.80 9.33
N TYR A 239 -4.96 16.69 8.39
CA TYR A 239 -3.98 17.23 7.47
C TYR A 239 -4.32 18.63 6.96
N ASP A 240 -3.28 19.42 6.72
CA ASP A 240 -3.44 20.71 6.07
C ASP A 240 -3.43 20.47 4.58
N PHE A 241 -4.47 20.95 3.90
CA PHE A 241 -4.54 20.85 2.45
C PHE A 241 -3.40 21.58 1.76
N ARG A 242 -3.01 22.74 2.29
CA ARG A 242 -1.86 23.47 1.77
C ARG A 242 -0.60 22.59 1.80
N GLN A 243 -0.38 21.92 2.93
CA GLN A 243 0.77 21.04 3.15
C GLN A 243 0.84 19.87 2.16
N PHE A 244 -0.30 19.26 1.93
CA PHE A 244 -0.41 18.16 1.02
C PHE A 244 -0.14 18.65 -0.40
N GLN A 245 -0.78 19.77 -0.78
CA GLN A 245 -0.49 20.42 -2.06
C GLN A 245 1.00 20.61 -2.27
N ARG A 246 1.66 21.22 -1.29
CA ARG A 246 3.10 21.52 -1.40
C ARG A 246 3.97 20.26 -1.54
N ASN A 247 3.72 19.27 -0.69
CA ASN A 247 4.38 17.99 -0.82
C ASN A 247 4.18 17.38 -2.22
N ALA A 248 2.96 17.45 -2.72
CA ALA A 248 2.65 16.96 -4.06
C ALA A 248 3.48 17.71 -5.11
N GLN A 249 3.59 19.03 -4.95
CA GLN A 249 4.37 19.88 -5.85
C GLN A 249 5.83 19.50 -5.88
N TYR A 250 6.39 19.15 -4.73
CA TYR A 250 7.76 18.70 -4.66
C TYR A 250 7.93 17.46 -5.53
N VAL A 251 7.09 16.46 -5.31
CA VAL A 251 7.19 15.17 -6.03
C VAL A 251 6.99 15.37 -7.53
N ALA A 252 6.02 16.21 -7.88
CA ALA A 252 5.63 16.45 -9.26
C ALA A 252 6.60 17.37 -9.99
N GLY A 253 7.47 18.03 -9.23
CA GLY A 253 8.41 18.98 -9.83
C GLY A 253 9.83 18.48 -10.02
N LEU A 254 10.05 17.19 -9.76
CA LEU A 254 11.38 16.59 -9.88
C LEU A 254 11.87 16.49 -11.32
N GLY A 255 10.96 16.26 -12.26
CA GLY A 255 11.31 16.20 -13.67
C GLY A 255 12.31 15.10 -14.01
N PRO B 22 16.42 -22.85 14.58
CA PRO B 22 17.21 -21.61 14.57
C PRO B 22 17.64 -21.29 13.15
N MET B 23 17.95 -20.01 12.89
CA MET B 23 18.31 -19.48 11.54
C MET B 23 18.16 -17.95 11.37
N GLN B 24 18.85 -17.40 10.38
CA GLN B 24 18.74 -15.99 10.05
C GLN B 24 18.49 -15.81 8.53
N ILE B 25 17.53 -14.96 8.16
CA ILE B 25 17.29 -14.64 6.74
C ILE B 25 17.19 -13.12 6.52
N PHE B 26 17.36 -12.70 5.27
CA PHE B 26 17.27 -11.27 4.94
C PHE B 26 16.18 -11.02 3.92
N VAL B 27 15.42 -9.96 4.15
CA VAL B 27 14.39 -9.57 3.21
C VAL B 27 14.79 -8.25 2.61
N LYS B 28 14.86 -8.21 1.27
CA LYS B 28 15.27 -7.01 0.56
C LYS B 28 14.22 -6.56 -0.43
N THR B 29 14.01 -5.25 -0.50
CA THR B 29 13.07 -4.65 -1.43
C THR B 29 13.84 -4.19 -2.66
N LEU B 30 13.11 -3.79 -3.70
CA LEU B 30 13.71 -3.29 -4.95
C LEU B 30 14.35 -1.93 -4.76
N THR B 31 14.33 -1.46 -3.52
CA THR B 31 14.93 -0.19 -3.12
C THR B 31 16.29 -0.40 -2.47
N GLY B 32 16.57 -1.66 -2.14
CA GLY B 32 17.78 -1.98 -1.41
C GLY B 32 17.59 -1.87 0.09
N LYS B 33 16.37 -1.59 0.54
CA LYS B 33 16.04 -1.64 1.97
C LYS B 33 16.10 -3.08 2.50
N THR B 34 16.79 -3.26 3.62
CA THR B 34 16.96 -4.57 4.27
C THR B 34 16.39 -4.63 5.69
N ILE B 35 15.71 -5.74 5.97
CA ILE B 35 15.41 -6.12 7.34
C ILE B 35 15.92 -7.55 7.60
N THR B 36 16.26 -7.83 8.85
CA THR B 36 16.74 -9.16 9.24
C THR B 36 15.64 -9.86 10.03
N LEU B 37 15.34 -11.11 9.66
CA LEU B 37 14.38 -11.93 10.41
C LEU B 37 15.03 -13.17 11.02
N GLU B 38 14.73 -13.38 12.30
CA GLU B 38 15.13 -14.60 13.02
C GLU B 38 14.04 -15.65 12.78
N VAL B 39 14.44 -16.78 12.20
CA VAL B 39 13.45 -17.70 11.69
C VAL B 39 13.90 -19.16 11.87
N GLU B 40 12.94 -20.08 11.79
CA GLU B 40 13.21 -21.52 11.80
C GLU B 40 12.81 -22.08 10.46
N SER B 41 13.53 -23.11 9.97
CA SER B 41 13.20 -23.77 8.70
C SER B 41 11.74 -24.20 8.65
N SER B 42 11.15 -24.52 9.80
CA SER B 42 9.77 -24.99 9.87
C SER B 42 8.71 -23.86 9.80
N ASP B 43 9.16 -22.60 9.79
CA ASP B 43 8.21 -21.47 9.73
C ASP B 43 7.50 -21.39 8.38
N THR B 44 6.26 -20.93 8.41
CA THR B 44 5.46 -20.83 7.20
C THR B 44 5.80 -19.54 6.44
N ILE B 45 5.50 -19.52 5.14
CA ILE B 45 5.65 -18.31 4.33
C ILE B 45 4.76 -17.23 4.91
N ASP B 46 3.55 -17.65 5.29
CA ASP B 46 2.58 -16.81 5.99
C ASP B 46 3.20 -16.16 7.22
N ASN B 47 3.72 -16.99 8.12
CA ASN B 47 4.46 -16.48 9.27
C ASN B 47 5.43 -15.36 8.87
N VAL B 48 6.23 -15.61 7.83
CA VAL B 48 7.20 -14.64 7.33
C VAL B 48 6.54 -13.36 6.80
N LYS B 49 5.57 -13.52 5.90
CA LYS B 49 4.83 -12.38 5.34
C LYS B 49 4.23 -11.49 6.43
N SER B 50 3.82 -12.13 7.52
CA SER B 50 3.13 -11.45 8.60
C SER B 50 4.13 -10.66 9.43
N LYS B 51 5.36 -11.13 9.48
CA LYS B 51 6.40 -10.39 10.15
C LYS B 51 6.88 -9.22 9.29
N ILE B 52 6.77 -9.39 7.98
CA ILE B 52 7.07 -8.30 7.05
C ILE B 52 5.99 -7.22 7.16
N GLN B 53 4.73 -7.63 7.32
CA GLN B 53 3.65 -6.67 7.55
C GLN B 53 3.89 -5.76 8.78
N ASP B 54 4.45 -6.35 9.83
CA ASP B 54 4.74 -5.64 11.06
C ASP B 54 5.83 -4.60 10.91
N LYS B 55 6.80 -4.87 10.04
CA LYS B 55 7.90 -3.94 9.81
C LYS B 55 7.66 -2.99 8.63
N GLU B 56 7.14 -3.53 7.52
CA GLU B 56 7.00 -2.76 6.29
C GLU B 56 5.56 -2.28 6.01
N GLY B 57 4.63 -2.70 6.87
CA GLY B 57 3.23 -2.27 6.75
C GLY B 57 2.61 -2.62 5.42
N ILE B 58 2.73 -3.88 5.02
CA ILE B 58 2.10 -4.35 3.80
C ILE B 58 1.32 -5.60 4.12
N PRO B 59 0.04 -5.64 3.72
CA PRO B 59 -0.78 -6.84 3.94
C PRO B 59 -0.14 -8.02 3.22
N PRO B 60 -0.06 -9.19 3.90
CA PRO B 60 0.56 -10.36 3.28
C PRO B 60 0.05 -10.60 1.87
N ASP B 61 -1.24 -10.34 1.64
CA ASP B 61 -1.86 -10.60 0.35
C ASP B 61 -1.41 -9.64 -0.75
N GLN B 62 -0.75 -8.55 -0.35
CA GLN B 62 -0.28 -7.52 -1.28
C GLN B 62 1.21 -7.67 -1.60
N GLN B 63 1.84 -8.69 -1.01
CA GLN B 63 3.28 -8.91 -1.17
C GLN B 63 3.62 -9.92 -2.26
N ARG B 64 4.71 -9.62 -2.99
CA ARG B 64 5.33 -10.55 -3.93
C ARG B 64 6.67 -10.97 -3.33
N LEU B 65 6.65 -12.05 -2.54
CA LEU B 65 7.84 -12.56 -1.88
C LEU B 65 8.53 -13.56 -2.77
N ILE B 66 9.78 -13.29 -3.12
CA ILE B 66 10.53 -14.12 -4.06
C ILE B 66 11.75 -14.76 -3.41
N PHE B 67 12.01 -16.01 -3.78
CA PHE B 67 13.26 -16.68 -3.45
C PHE B 67 13.77 -17.45 -4.67
N ALA B 68 15.07 -17.31 -4.93
CA ALA B 68 15.72 -17.95 -6.08
C ALA B 68 14.88 -17.90 -7.36
N GLY B 69 14.19 -16.77 -7.57
CA GLY B 69 13.45 -16.55 -8.82
C GLY B 69 11.95 -16.84 -8.80
N LYS B 70 11.47 -17.51 -7.76
CA LYS B 70 10.05 -17.92 -7.74
C LYS B 70 9.22 -17.31 -6.61
N GLN B 71 7.94 -17.04 -6.89
CA GLN B 71 7.01 -16.46 -5.92
C GLN B 71 6.65 -17.46 -4.82
N LEU B 72 6.77 -17.01 -3.57
CA LEU B 72 6.48 -17.87 -2.42
C LEU B 72 5.01 -17.84 -2.05
N GLU B 73 4.39 -19.02 -2.05
CA GLU B 73 2.95 -19.13 -1.80
C GLU B 73 2.69 -19.49 -0.34
N ASP B 74 1.52 -19.06 0.14
CA ASP B 74 1.07 -19.35 1.49
C ASP B 74 0.73 -20.83 1.63
N GLY B 75 0.94 -21.36 2.83
CA GLY B 75 0.59 -22.77 3.12
C GLY B 75 1.76 -23.71 3.01
N ARG B 76 2.93 -23.15 2.68
CA ARG B 76 4.17 -23.90 2.61
C ARG B 76 5.08 -23.40 3.71
N THR B 77 6.21 -24.08 3.89
CA THR B 77 7.21 -23.71 4.87
C THR B 77 8.46 -23.24 4.13
N LEU B 78 9.42 -22.70 4.88
CA LEU B 78 10.70 -22.26 4.32
C LEU B 78 11.47 -23.45 3.77
N SER B 79 11.40 -24.58 4.46
CA SER B 79 12.06 -25.81 4.06
C SER B 79 11.50 -26.40 2.76
N ASP B 80 10.20 -26.20 2.53
CA ASP B 80 9.58 -26.61 1.26
C ASP B 80 10.18 -25.92 0.04
N TYR B 81 10.80 -24.76 0.28
CA TYR B 81 11.44 -23.97 -0.77
C TYR B 81 12.97 -23.99 -0.63
N ASN B 82 13.45 -24.79 0.32
CA ASN B 82 14.88 -25.02 0.56
C ASN B 82 15.66 -23.74 0.84
N ILE B 83 14.99 -22.81 1.52
CA ILE B 83 15.60 -21.59 1.98
C ILE B 83 16.45 -21.93 3.22
N GLN B 84 17.72 -21.57 3.16
CA GLN B 84 18.67 -21.95 4.21
C GLN B 84 19.30 -20.75 4.90
N LYS B 85 20.14 -21.00 5.89
CA LYS B 85 20.72 -19.93 6.69
C LYS B 85 21.39 -18.86 5.83
N GLU B 86 21.16 -17.61 6.21
CA GLU B 86 21.77 -16.42 5.59
C GLU B 86 21.21 -16.14 4.19
N SER B 87 20.05 -16.72 3.89
CA SER B 87 19.41 -16.51 2.60
C SER B 87 18.75 -15.16 2.51
N THR B 88 18.46 -14.76 1.27
CA THR B 88 17.83 -13.49 0.97
C THR B 88 16.52 -13.71 0.22
N LEU B 89 15.47 -13.03 0.68
CA LEU B 89 14.20 -13.02 -0.02
C LEU B 89 13.99 -11.62 -0.55
N HIS B 90 13.28 -11.49 -1.67
CA HIS B 90 12.95 -10.16 -2.18
C HIS B 90 11.49 -9.80 -1.94
N LEU B 91 11.24 -8.52 -1.69
CA LEU B 91 9.89 -8.06 -1.52
C LEU B 91 9.58 -7.11 -2.66
N VAL B 92 8.96 -7.65 -3.71
CA VAL B 92 8.59 -6.82 -4.84
C VAL B 92 7.24 -6.19 -4.51
N LEU B 93 7.23 -4.86 -4.41
CA LEU B 93 6.05 -4.13 -3.95
C LEU B 93 5.27 -3.44 -5.07
N ARG B 94 5.21 -4.07 -6.24
CA ARG B 94 4.61 -3.43 -7.39
C ARG B 94 3.78 -4.40 -8.24
N LEU B 95 2.73 -3.88 -8.83
CA LEU B 95 1.98 -4.62 -9.82
C LEU B 95 2.81 -4.90 -11.02
N ARG B 96 2.47 -6.00 -11.66
CA ARG B 96 3.22 -6.55 -12.80
C ARG B 96 2.99 -5.79 -14.05
N GLY B 97 4.05 -5.56 -14.78
CA GLY B 97 4.03 -4.76 -15.96
C GLY B 97 4.00 -3.29 -15.71
N GLY B 98 3.68 -2.52 -16.68
CA GLY B 98 3.49 -1.14 -16.31
C GLY B 98 2.93 -0.92 -14.91
#